data_4MN0
#
_entry.id   4MN0
#
_cell.length_a   101.770
_cell.length_b   33.899
_cell.length_c   77.406
_cell.angle_alpha   90.00
_cell.angle_beta   126.74
_cell.angle_gamma   90.00
#
_symmetry.space_group_name_H-M   'C 1 2 1'
#
loop_
_entity.id
_entity.type
_entity.pdbx_description
1 polymer Berovin
2 non-polymer 'CALCIUM ION'
3 non-polymer 'MAGNESIUM ION'
4 water water
#
_entity_poly.entity_id   1
_entity_poly.type   'polypeptide(L)'
_entity_poly.pdbx_seq_one_letter_code
;(MSE)TERLNEQNNESYRYLRSVGNQWQFNVEDLHPK(MSE)LSRLYKRFDTFDLDSDGK(MSE)E(MSE)DEVLYWPDR
(MSE)RQLVNATDEQVEK(MSE)RDAVRVFFLHKGVEPVNGLLREDWVEANRVFAEAERERERRGEPSLIALLSNSYYDV
LDDDGDGTVDVDELKT(MSE)(MSE)KAFDVPQEAAYTFFEKADTDKSGKLERTELVHLFRKFW(MSE)EPYDPQWDGVY
AYKY
;
_entity_poly.pdbx_strand_id   A
#
loop_
_chem_comp.id
_chem_comp.type
_chem_comp.name
_chem_comp.formula
CA non-polymer 'CALCIUM ION' 'Ca 2'
MG non-polymer 'MAGNESIUM ION' 'Mg 2'
#
# COMPACT_ATOMS: atom_id res chain seq x y z
N GLU A 3 -11.40 22.12 -5.08
CA GLU A 3 -11.18 22.37 -6.54
C GLU A 3 -11.05 21.14 -7.45
N ARG A 4 -9.85 20.56 -7.51
CA ARG A 4 -9.55 19.47 -8.46
C ARG A 4 -10.14 18.14 -8.01
N LEU A 5 -9.76 17.61 -6.87
CA LEU A 5 -10.32 16.30 -6.46
C LEU A 5 -11.58 16.48 -5.64
N ASN A 6 -12.52 15.54 -5.73
CA ASN A 6 -13.75 15.67 -4.97
C ASN A 6 -14.46 14.31 -4.92
N GLU A 7 -15.70 14.30 -4.41
CA GLU A 7 -16.62 13.11 -4.43
C GLU A 7 -16.80 12.40 -5.74
N GLN A 8 -16.80 13.12 -6.84
CA GLN A 8 -17.02 12.46 -8.12
C GLN A 8 -15.77 11.86 -8.77
N ASN A 9 -14.62 12.24 -8.20
CA ASN A 9 -13.28 12.08 -8.69
C ASN A 9 -12.40 11.13 -7.92
N ASN A 10 -12.73 10.91 -6.65
CA ASN A 10 -11.73 10.36 -5.74
C ASN A 10 -12.41 9.60 -4.68
N GLU A 11 -11.99 8.37 -4.43
CA GLU A 11 -12.70 7.53 -3.51
C GLU A 11 -12.58 7.95 -2.03
N SER A 12 -11.44 8.51 -1.64
CA SER A 12 -11.29 9.02 -0.28
C SER A 12 -12.24 10.19 -0.04
N TYR A 13 -12.40 11.10 -1.00
CA TYR A 13 -13.48 12.14 -0.87
C TYR A 13 -14.91 11.51 -0.83
N ARG A 14 -15.12 10.48 -1.64
CA ARG A 14 -16.42 9.79 -1.61
C ARG A 14 -16.66 9.25 -0.20
N TYR A 15 -15.64 8.60 0.37
CA TYR A 15 -15.73 8.03 1.68
C TYR A 15 -16.00 9.09 2.78
N LEU A 16 -15.15 10.14 2.85
CA LEU A 16 -15.34 11.21 3.83
C LEU A 16 -16.74 11.81 3.79
N ARG A 17 -17.20 12.12 2.59
CA ARG A 17 -18.52 12.73 2.49
C ARG A 17 -19.66 11.73 2.82
N SER A 18 -19.45 10.43 2.61
CA SER A 18 -20.50 9.46 2.94
C SER A 18 -20.75 9.35 4.44
N VAL A 19 -19.70 9.61 5.26
CA VAL A 19 -19.85 9.71 6.70
C VAL A 19 -20.06 11.11 7.32
N GLY A 20 -20.08 12.15 6.48
CA GLY A 20 -20.28 13.53 6.95
C GLY A 20 -19.05 14.30 7.32
N ASN A 21 -17.86 13.79 6.97
CA ASN A 21 -16.61 14.50 7.28
C ASN A 21 -16.36 15.47 6.09
N GLN A 22 -16.27 16.78 6.39
CA GLN A 22 -16.20 17.88 5.42
C GLN A 22 -14.79 18.32 5.05
N TRP A 23 -13.81 17.55 5.49
CA TRP A 23 -12.41 17.87 5.28
C TRP A 23 -12.12 18.28 3.83
N GLN A 24 -11.33 19.34 3.68
CA GLN A 24 -11.05 19.87 2.35
C GLN A 24 -9.57 20.17 2.25
N PHE A 25 -8.91 19.61 1.24
CA PHE A 25 -7.51 19.97 1.01
C PHE A 25 -7.40 21.47 0.74
N ASN A 26 -6.43 22.09 1.41
CA ASN A 26 -6.13 23.50 1.18
C ASN A 26 -5.19 23.72 -0.01
N SER A 36 9.58 16.88 -2.29
CA SER A 36 10.07 16.12 -3.42
C SER A 36 10.17 14.64 -3.08
N ARG A 37 10.24 14.27 -1.80
CA ARG A 37 10.28 12.85 -1.44
C ARG A 37 8.92 12.16 -1.82
N LEU A 38 7.83 12.84 -1.53
CA LEU A 38 6.51 12.39 -1.98
C LEU A 38 6.39 12.21 -3.53
N TYR A 39 6.92 13.16 -4.33
CA TYR A 39 6.84 13.06 -5.79
C TYR A 39 7.72 11.96 -6.36
N LYS A 40 8.90 11.73 -5.75
CA LYS A 40 9.72 10.55 -6.10
C LYS A 40 8.88 9.28 -6.04
N ARG A 41 7.99 9.21 -5.06
CA ARG A 41 7.14 8.01 -4.98
C ARG A 41 6.19 7.85 -6.15
N PHE A 42 5.54 8.95 -6.56
CA PHE A 42 4.66 8.92 -7.72
C PHE A 42 5.44 8.45 -8.93
N ASP A 43 6.61 9.06 -9.12
CA ASP A 43 7.42 8.79 -10.32
C ASP A 43 7.98 7.38 -10.34
N THR A 44 8.18 6.78 -9.19
CA THR A 44 8.42 5.31 -9.12
C THR A 44 7.21 4.37 -9.52
N PHE A 45 6.01 4.74 -9.10
CA PHE A 45 4.80 4.06 -9.54
C PHE A 45 4.41 4.29 -10.97
N ASP A 46 4.82 5.44 -11.54
CA ASP A 46 4.41 5.84 -12.92
C ASP A 46 5.36 5.11 -13.83
N LEU A 47 5.06 3.82 -14.12
CA LEU A 47 6.03 2.98 -14.81
C LEU A 47 6.45 3.44 -16.20
N ASP A 48 5.56 4.08 -16.97
CA ASP A 48 5.97 4.63 -18.28
C ASP A 48 6.36 6.15 -18.28
N SER A 49 6.43 6.76 -17.12
CA SER A 49 6.77 8.17 -16.99
C SER A 49 5.84 9.11 -17.80
N ASP A 50 4.59 8.73 -18.05
CA ASP A 50 3.65 9.67 -18.74
C ASP A 50 2.96 10.73 -17.81
N GLY A 51 3.28 10.76 -16.53
CA GLY A 51 2.66 11.73 -15.62
C GLY A 51 1.33 11.30 -15.07
N LYS A 52 0.99 10.02 -15.28
CA LYS A 52 -0.28 9.48 -14.72
C LYS A 52 -0.02 8.11 -14.04
N MSE A 53 -0.61 7.85 -12.87
CA MSE A 53 -0.61 6.47 -12.35
C MSE A 53 -1.91 5.81 -12.73
O MSE A 53 -2.99 6.34 -12.44
CB MSE A 53 -0.41 6.31 -10.86
CG MSE A 53 1.01 6.71 -10.39
SE MSE A 53 0.89 7.12 -8.43
CE MSE A 53 0.05 5.36 -7.97
N GLU A 54 -1.83 4.63 -13.36
CA GLU A 54 -3.00 3.89 -13.73
C GLU A 54 -3.05 2.55 -12.96
N MSE A 55 -4.23 1.95 -12.85
CA MSE A 55 -4.35 0.70 -12.08
C MSE A 55 -3.50 -0.47 -12.64
O MSE A 55 -2.95 -1.27 -11.90
CB MSE A 55 -5.83 0.29 -12.08
CG MSE A 55 -6.01 -0.84 -11.01
SE MSE A 55 -5.68 -0.28 -9.13
CE MSE A 55 -7.17 0.87 -8.62
N ASP A 56 -3.39 -0.59 -13.96
CA ASP A 56 -2.55 -1.67 -14.46
C ASP A 56 -1.07 -1.51 -14.06
N GLU A 57 -0.66 -0.27 -13.80
CA GLU A 57 0.71 0.01 -13.34
C GLU A 57 0.89 -0.39 -11.91
N VAL A 58 -0.10 -0.12 -11.03
CA VAL A 58 0.02 -0.49 -9.63
C VAL A 58 -0.10 -2.00 -9.44
N LEU A 59 -0.81 -2.68 -10.33
CA LEU A 59 -0.96 -4.15 -10.16
C LEU A 59 0.26 -4.91 -10.64
N TYR A 60 1.16 -4.20 -11.31
CA TYR A 60 2.48 -4.71 -11.62
C TYR A 60 3.23 -5.30 -10.37
N TRP A 61 3.18 -4.59 -9.23
CA TRP A 61 3.91 -5.00 -8.03
C TRP A 61 3.44 -6.35 -7.40
N PRO A 62 2.13 -6.52 -7.17
CA PRO A 62 1.70 -7.85 -6.68
C PRO A 62 1.88 -8.92 -7.74
N ASP A 63 1.76 -8.57 -9.02
CA ASP A 63 2.04 -9.54 -10.06
C ASP A 63 3.53 -10.02 -10.02
N ARG A 64 4.50 -9.12 -9.80
CA ARG A 64 5.85 -9.58 -9.62
C ARG A 64 6.05 -10.41 -8.34
N MSE A 65 5.37 -10.03 -7.26
CA MSE A 65 5.58 -10.72 -5.99
C MSE A 65 5.13 -12.17 -6.18
O MSE A 65 5.75 -13.13 -5.69
CB MSE A 65 4.74 -10.00 -4.91
CG MSE A 65 4.47 -10.80 -3.65
SE MSE A 65 6.12 -10.50 -2.54
CE MSE A 65 6.82 -12.32 -2.66
N ARG A 66 4.02 -12.34 -6.87
CA ARG A 66 3.47 -13.70 -7.04
C ARG A 66 4.40 -14.65 -7.79
N GLN A 67 5.33 -14.13 -8.58
CA GLN A 67 6.20 -15.00 -9.35
C GLN A 67 7.31 -15.58 -8.44
N LEU A 68 7.58 -14.88 -7.31
CA LEU A 68 8.78 -15.17 -6.50
C LEU A 68 8.56 -16.23 -5.46
N VAL A 69 7.31 -16.58 -5.21
CA VAL A 69 6.95 -17.46 -4.13
C VAL A 69 5.86 -18.38 -4.66
N ASN A 70 5.28 -19.22 -3.81
CA ASN A 70 4.22 -20.14 -4.26
C ASN A 70 3.11 -20.04 -3.28
N ALA A 71 2.39 -18.91 -3.33
CA ALA A 71 1.25 -18.68 -2.41
C ALA A 71 -0.01 -19.38 -3.02
N THR A 72 -1.02 -19.62 -2.22
CA THR A 72 -2.28 -20.22 -2.77
C THR A 72 -2.98 -19.23 -3.71
N ASP A 73 -3.78 -19.74 -4.67
CA ASP A 73 -4.55 -18.80 -5.52
C ASP A 73 -5.37 -17.84 -4.68
N GLU A 74 -5.93 -18.34 -3.56
CA GLU A 74 -6.69 -17.49 -2.67
C GLU A 74 -5.84 -16.35 -2.08
N GLN A 75 -4.62 -16.68 -1.65
CA GLN A 75 -3.75 -15.61 -1.07
C GLN A 75 -3.39 -14.56 -2.11
N VAL A 76 -3.10 -15.04 -3.32
CA VAL A 76 -2.64 -14.15 -4.37
C VAL A 76 -3.78 -13.24 -4.71
N GLU A 77 -5.01 -13.77 -4.73
CA GLU A 77 -6.17 -12.93 -5.09
C GLU A 77 -6.44 -11.96 -3.93
N LYS A 78 -6.24 -12.40 -2.67
CA LYS A 78 -6.50 -11.49 -1.55
C LYS A 78 -5.53 -10.31 -1.65
N MSE A 79 -4.29 -10.57 -2.06
CA MSE A 79 -3.24 -9.54 -2.27
C MSE A 79 -3.60 -8.62 -3.43
O MSE A 79 -3.54 -7.42 -3.26
CB MSE A 79 -1.90 -10.25 -2.59
CG MSE A 79 -0.85 -9.14 -2.82
SE MSE A 79 0.90 -9.96 -3.12
CE MSE A 79 0.59 -11.20 -4.61
N ARG A 80 -3.90 -9.17 -4.61
CA ARG A 80 -4.27 -8.37 -5.78
C ARG A 80 -5.46 -7.41 -5.44
N ASP A 81 -6.48 -7.96 -4.79
CA ASP A 81 -7.65 -7.18 -4.43
C ASP A 81 -7.34 -6.13 -3.38
N ALA A 82 -6.52 -6.45 -2.38
CA ALA A 82 -6.14 -5.43 -1.41
C ALA A 82 -5.30 -4.27 -2.03
N VAL A 83 -4.47 -4.58 -3.05
CA VAL A 83 -3.66 -3.56 -3.72
C VAL A 83 -4.62 -2.70 -4.56
N ARG A 84 -5.57 -3.34 -5.24
CA ARG A 84 -6.57 -2.61 -6.02
C ARG A 84 -7.30 -1.60 -5.12
N VAL A 85 -7.90 -2.11 -4.04
CA VAL A 85 -8.62 -1.28 -3.07
C VAL A 85 -7.73 -0.14 -2.57
N PHE A 86 -6.57 -0.50 -2.09
CA PHE A 86 -5.65 0.52 -1.55
C PHE A 86 -5.42 1.60 -2.55
N PHE A 87 -5.09 1.26 -3.78
CA PHE A 87 -4.73 2.36 -4.70
C PHE A 87 -5.93 3.07 -5.21
N LEU A 88 -7.10 2.40 -5.22
CA LEU A 88 -8.32 3.15 -5.60
C LEU A 88 -8.53 4.25 -4.55
N HIS A 89 -8.32 3.92 -3.29
CA HIS A 89 -8.50 4.95 -2.20
C HIS A 89 -7.40 5.96 -2.20
N LYS A 90 -6.21 5.54 -2.63
CA LYS A 90 -5.12 6.53 -2.89
C LYS A 90 -5.31 7.44 -4.09
N GLY A 91 -6.46 7.33 -4.76
CA GLY A 91 -6.80 8.23 -5.81
C GLY A 91 -6.71 7.71 -7.23
N VAL A 92 -6.25 6.47 -7.41
CA VAL A 92 -6.17 5.87 -8.77
C VAL A 92 -7.55 5.43 -9.30
N GLU A 93 -8.18 6.29 -10.11
CA GLU A 93 -9.52 6.04 -10.61
C GLU A 93 -9.54 5.01 -11.75
N PRO A 94 -10.64 4.24 -11.88
CA PRO A 94 -10.59 3.08 -12.80
C PRO A 94 -10.29 3.44 -14.23
N VAL A 95 -10.80 4.59 -14.70
CA VAL A 95 -10.57 5.02 -16.07
C VAL A 95 -9.55 6.16 -16.16
N ASN A 96 -9.63 7.13 -15.26
CA ASN A 96 -8.87 8.31 -15.43
C ASN A 96 -7.54 8.19 -14.73
N GLY A 97 -7.37 7.17 -13.87
CA GLY A 97 -6.12 7.02 -13.16
C GLY A 97 -5.87 8.20 -12.24
N LEU A 98 -4.59 8.50 -11.94
CA LEU A 98 -4.25 9.60 -11.05
C LEU A 98 -3.14 10.46 -11.62
N LEU A 99 -3.45 11.71 -11.92
CA LEU A 99 -2.41 12.66 -12.36
C LEU A 99 -1.37 13.10 -11.32
N ARG A 100 -0.18 13.34 -11.84
CA ARG A 100 0.92 13.81 -10.97
C ARG A 100 0.48 15.09 -10.19
N GLU A 101 -0.32 15.92 -10.85
CA GLU A 101 -0.78 17.26 -10.39
C GLU A 101 -1.68 17.01 -9.20
N ASP A 102 -2.30 15.82 -9.15
CA ASP A 102 -3.19 15.44 -8.04
C ASP A 102 -2.60 14.55 -6.95
N TRP A 103 -1.35 14.11 -7.13
CA TRP A 103 -0.71 13.16 -6.18
C TRP A 103 -0.72 13.63 -4.76
N VAL A 104 -0.33 14.89 -4.52
CA VAL A 104 -0.16 15.34 -3.15
C VAL A 104 -1.53 15.39 -2.46
N GLU A 105 -2.52 15.98 -3.12
CA GLU A 105 -3.81 16.10 -2.49
C GLU A 105 -4.41 14.69 -2.30
N ALA A 106 -4.18 13.75 -3.25
CA ALA A 106 -4.69 12.34 -3.09
C ALA A 106 -4.10 11.70 -1.84
N ASN A 107 -2.81 11.91 -1.57
CA ASN A 107 -2.23 11.43 -0.33
C ASN A 107 -2.82 12.05 0.97
N ARG A 108 -3.11 13.36 0.95
CA ARG A 108 -3.66 14.04 2.16
C ARG A 108 -5.07 13.61 2.47
N VAL A 109 -5.90 13.56 1.43
CA VAL A 109 -7.30 13.14 1.68
C VAL A 109 -7.32 11.65 2.09
N PHE A 110 -6.43 10.85 1.51
CA PHE A 110 -6.31 9.44 1.94
C PHE A 110 -5.94 9.30 3.44
N ALA A 111 -4.99 10.13 3.91
CA ALA A 111 -4.59 10.13 5.31
C ALA A 111 -5.77 10.50 6.25
N GLU A 112 -6.62 11.46 5.85
CA GLU A 112 -7.80 11.82 6.60
C GLU A 112 -8.79 10.65 6.56
N ALA A 113 -8.93 10.00 5.38
CA ALA A 113 -9.86 8.86 5.32
C ALA A 113 -9.38 7.71 6.25
N GLU A 114 -8.06 7.48 6.33
CA GLU A 114 -7.56 6.48 7.25
C GLU A 114 -7.86 6.86 8.75
N ARG A 115 -7.65 8.12 9.11
CA ARG A 115 -8.01 8.62 10.46
C ARG A 115 -9.49 8.49 10.77
N GLU A 116 -10.34 8.79 9.80
CA GLU A 116 -11.76 8.69 9.95
C GLU A 116 -12.17 7.21 10.17
N ARG A 117 -11.57 6.33 9.39
CA ARG A 117 -11.83 4.86 9.55
C ARG A 117 -11.51 4.38 10.97
N GLU A 118 -10.38 4.82 11.49
CA GLU A 118 -9.91 4.39 12.79
C GLU A 118 -10.85 4.92 13.93
N ARG A 119 -11.24 6.19 13.86
CA ARG A 119 -12.31 6.71 14.76
C ARG A 119 -13.59 5.92 14.72
N ARG A 120 -14.04 5.54 13.52
CA ARG A 120 -15.21 4.73 13.35
C ARG A 120 -15.03 3.23 13.69
N GLY A 121 -13.83 2.81 14.02
CA GLY A 121 -13.59 1.40 14.35
C GLY A 121 -13.63 0.53 13.08
N GLU A 122 -13.33 1.12 11.93
CA GLU A 122 -13.38 0.40 10.66
C GLU A 122 -11.96 -0.10 10.27
N PRO A 123 -11.87 -1.18 9.47
CA PRO A 123 -10.50 -1.66 9.16
C PRO A 123 -9.65 -0.67 8.34
N SER A 124 -8.39 -0.56 8.72
CA SER A 124 -7.45 0.29 8.04
C SER A 124 -7.07 -0.37 6.73
N LEU A 125 -7.05 0.41 5.66
CA LEU A 125 -6.67 -0.10 4.36
C LEU A 125 -5.18 -0.42 4.25
N ILE A 126 -4.33 0.34 4.95
CA ILE A 126 -2.92 -0.06 5.04
C ILE A 126 -2.73 -1.40 5.75
N ALA A 127 -3.44 -1.60 6.85
CA ALA A 127 -3.45 -2.90 7.52
C ALA A 127 -3.95 -4.03 6.65
N LEU A 128 -5.06 -3.84 5.89
CA LEU A 128 -5.50 -4.88 4.96
C LEU A 128 -4.44 -5.15 3.90
N LEU A 129 -3.82 -4.10 3.32
CA LEU A 129 -2.73 -4.32 2.38
C LEU A 129 -1.59 -5.17 2.99
N SER A 130 -1.12 -4.72 4.13
CA SER A 130 0.04 -5.36 4.80
C SER A 130 -0.30 -6.86 5.10
N ASN A 131 -1.45 -7.13 5.72
CA ASN A 131 -1.87 -8.53 5.97
C ASN A 131 -1.97 -9.39 4.73
N SER A 132 -2.43 -8.80 3.61
CA SER A 132 -2.50 -9.62 2.35
C SER A 132 -1.08 -9.96 1.86
N TYR A 133 -0.13 -9.04 2.01
CA TYR A 133 1.31 -9.39 1.72
C TYR A 133 1.89 -10.37 2.68
N TYR A 134 1.57 -10.21 3.95
CA TYR A 134 2.15 -11.08 4.96
C TYR A 134 1.93 -12.56 4.62
N ASP A 135 0.69 -12.93 4.27
CA ASP A 135 0.32 -14.33 3.95
C ASP A 135 1.11 -14.85 2.71
N VAL A 136 1.32 -13.97 1.74
CA VAL A 136 2.08 -14.31 0.54
C VAL A 136 3.63 -14.42 0.85
N LEU A 137 4.15 -13.51 1.69
CA LEU A 137 5.57 -13.47 2.08
C LEU A 137 5.97 -14.72 2.92
N ASP A 138 5.07 -15.20 3.78
CA ASP A 138 5.37 -16.36 4.61
C ASP A 138 5.32 -17.60 3.73
N ASP A 139 6.33 -17.77 2.93
CA ASP A 139 6.33 -18.78 1.90
C ASP A 139 6.71 -20.14 2.45
N ASP A 140 7.23 -20.23 3.69
CA ASP A 140 7.43 -21.58 4.30
C ASP A 140 6.30 -21.93 5.28
N GLY A 141 5.29 -21.08 5.39
CA GLY A 141 4.10 -21.38 6.18
C GLY A 141 4.27 -21.51 7.70
N ASP A 142 5.43 -21.07 8.24
CA ASP A 142 5.70 -21.17 9.67
C ASP A 142 4.99 -20.12 10.53
N GLY A 143 4.27 -19.17 9.92
CA GLY A 143 3.44 -18.25 10.69
C GLY A 143 3.95 -16.84 10.72
N THR A 144 5.22 -16.70 10.35
CA THR A 144 5.86 -15.44 10.52
C THR A 144 6.74 -15.10 9.30
N VAL A 145 7.15 -13.84 9.19
CA VAL A 145 8.00 -13.39 8.07
C VAL A 145 9.42 -13.21 8.65
N ASP A 146 10.36 -13.93 8.08
CA ASP A 146 11.74 -13.83 8.45
C ASP A 146 12.46 -12.88 7.51
N VAL A 147 13.72 -12.61 7.81
CA VAL A 147 14.46 -11.63 7.04
C VAL A 147 14.65 -12.11 5.58
N ASP A 148 14.71 -13.41 5.33
CA ASP A 148 14.96 -13.81 3.92
C ASP A 148 13.63 -13.64 3.15
N GLU A 149 12.52 -13.87 3.86
CA GLU A 149 11.18 -13.67 3.24
C GLU A 149 11.03 -12.17 2.99
N LEU A 150 11.57 -11.32 3.90
CA LEU A 150 11.52 -9.85 3.64
C LEU A 150 12.34 -9.46 2.42
N LYS A 151 13.47 -10.16 2.17
CA LYS A 151 14.31 -9.86 0.96
C LYS A 151 13.51 -10.04 -0.33
N THR A 152 12.67 -11.06 -0.33
CA THR A 152 11.88 -11.41 -1.49
C THR A 152 10.92 -10.21 -1.72
N MSE A 153 10.43 -9.59 -0.64
CA MSE A 153 9.59 -8.43 -0.73
C MSE A 153 10.36 -7.29 -1.38
O MSE A 153 9.84 -6.62 -2.26
CB MSE A 153 8.92 -8.04 0.63
CG MSE A 153 7.84 -6.98 0.37
SE MSE A 153 7.31 -6.14 2.06
CE MSE A 153 7.75 -4.20 1.83
N MSE A 154 11.63 -7.10 -0.99
CA MSE A 154 12.46 -6.03 -1.52
C MSE A 154 12.66 -6.34 -3.01
O MSE A 154 12.60 -5.45 -3.91
CB MSE A 154 13.86 -5.99 -0.86
CG MSE A 154 13.85 -5.72 0.64
SE MSE A 154 12.89 -4.02 1.05
CE MSE A 154 11.12 -4.71 1.59
N LYS A 155 12.87 -7.62 -3.30
CA LYS A 155 13.11 -7.98 -4.70
C LYS A 155 11.86 -7.69 -5.54
N ALA A 156 10.67 -8.01 -5.02
CA ALA A 156 9.40 -7.77 -5.75
C ALA A 156 9.17 -6.28 -5.99
N PHE A 157 9.64 -5.47 -5.05
CA PHE A 157 9.44 -4.02 -5.17
C PHE A 157 10.55 -3.30 -5.89
N ASP A 158 11.48 -4.06 -6.46
CA ASP A 158 12.57 -3.51 -7.22
C ASP A 158 13.53 -2.75 -6.29
N VAL A 159 13.59 -3.09 -4.99
CA VAL A 159 14.56 -2.42 -4.08
C VAL A 159 15.69 -3.36 -3.70
N PRO A 160 16.92 -2.84 -3.41
CA PRO A 160 18.01 -3.79 -3.13
C PRO A 160 17.68 -4.70 -2.00
N GLN A 161 18.01 -5.98 -2.13
CA GLN A 161 17.57 -6.97 -1.11
C GLN A 161 18.20 -6.72 0.23
N GLU A 162 19.40 -6.15 0.20
CA GLU A 162 20.12 -5.85 1.44
C GLU A 162 19.35 -4.84 2.26
N ALA A 163 18.49 -4.03 1.61
CA ALA A 163 17.75 -3.06 2.40
C ALA A 163 16.80 -3.76 3.37
N ALA A 164 16.48 -5.03 3.15
CA ALA A 164 15.68 -5.81 4.19
C ALA A 164 16.34 -5.87 5.57
N TYR A 165 17.67 -5.85 5.62
CA TYR A 165 18.33 -5.81 6.94
C TYR A 165 17.91 -4.57 7.70
N THR A 166 18.10 -3.42 7.06
CA THR A 166 17.62 -2.15 7.64
C THR A 166 16.16 -2.19 8.07
N PHE A 167 15.27 -2.58 7.15
CA PHE A 167 13.82 -2.57 7.44
C PHE A 167 13.41 -3.61 8.45
N PHE A 168 14.02 -4.79 8.42
CA PHE A 168 13.66 -5.79 9.38
C PHE A 168 14.02 -5.29 10.79
N GLU A 169 15.19 -4.69 10.91
CA GLU A 169 15.63 -4.14 12.18
C GLU A 169 14.67 -3.09 12.74
N LYS A 170 14.32 -2.09 11.92
CA LYS A 170 13.40 -1.05 12.38
C LYS A 170 12.08 -1.69 12.81
N ALA A 171 11.58 -2.63 11.98
CA ALA A 171 10.26 -3.26 12.21
C ALA A 171 10.17 -4.32 13.30
N ASP A 172 11.27 -5.04 13.55
CA ASP A 172 11.28 -6.12 14.56
C ASP A 172 11.42 -5.53 15.97
N THR A 173 10.35 -4.88 16.41
CA THR A 173 10.39 -4.04 17.61
C THR A 173 10.44 -4.90 18.88
N ASP A 174 9.88 -6.11 18.86
CA ASP A 174 10.06 -7.02 20.03
C ASP A 174 11.36 -7.86 19.95
N LYS A 175 12.23 -7.51 19.00
CA LYS A 175 13.52 -8.19 18.83
C LYS A 175 13.41 -9.75 18.84
N SER A 176 12.34 -10.29 18.26
CA SER A 176 12.06 -11.73 18.25
C SER A 176 12.77 -12.42 17.08
N GLY A 177 13.28 -11.63 16.12
CA GLY A 177 13.97 -12.17 14.92
C GLY A 177 13.01 -12.58 13.81
N LYS A 178 11.72 -12.31 14.01
CA LYS A 178 10.63 -12.55 13.03
C LYS A 178 9.67 -11.38 13.03
N LEU A 179 9.16 -11.03 11.86
CA LEU A 179 8.07 -10.07 11.86
C LEU A 179 6.74 -10.77 12.07
N GLU A 180 6.02 -10.27 13.09
CA GLU A 180 4.67 -10.64 13.39
C GLU A 180 3.74 -9.76 12.50
N ARG A 181 2.48 -10.10 12.39
CA ARG A 181 1.60 -9.28 11.56
C ARG A 181 1.56 -7.79 11.85
N THR A 182 1.45 -7.44 13.14
CA THR A 182 1.42 -6.01 13.54
C THR A 182 2.67 -5.28 13.23
N GLU A 183 3.80 -5.99 13.24
CA GLU A 183 5.07 -5.34 12.89
C GLU A 183 5.15 -5.01 11.41
N LEU A 184 4.69 -5.94 10.58
CA LEU A 184 4.65 -5.63 9.14
C LEU A 184 3.66 -4.49 8.83
N VAL A 185 2.56 -4.47 9.56
CA VAL A 185 1.60 -3.34 9.42
C VAL A 185 2.35 -2.02 9.76
N HIS A 186 3.06 -2.02 10.88
CA HIS A 186 3.86 -0.83 11.30
C HIS A 186 4.78 -0.36 10.22
N LEU A 187 5.52 -1.30 9.61
CA LEU A 187 6.45 -1.02 8.48
C LEU A 187 5.74 -0.48 7.23
N PHE A 188 4.62 -1.11 6.83
CA PHE A 188 3.77 -0.52 5.78
C PHE A 188 3.36 0.93 6.10
N ARG A 189 2.86 1.16 7.32
CA ARG A 189 2.24 2.42 7.73
C ARG A 189 3.25 3.54 7.79
N LYS A 190 4.42 3.26 8.39
CA LYS A 190 5.55 4.20 8.44
C LYS A 190 5.81 4.53 7.00
N PHE A 191 5.92 3.49 6.17
CA PHE A 191 6.13 3.79 4.75
C PHE A 191 5.07 4.72 4.10
N TRP A 192 3.78 4.47 4.30
CA TRP A 192 2.78 5.31 3.57
C TRP A 192 2.44 6.60 4.24
N MSE A 193 2.38 6.60 5.56
CA MSE A 193 1.88 7.75 6.32
C MSE A 193 2.27 7.64 7.76
O MSE A 193 1.44 7.46 8.64
CB MSE A 193 0.35 7.88 6.19
CG MSE A 193 -0.44 6.68 6.72
SE MSE A 193 -2.35 7.17 6.88
CE MSE A 193 -2.53 7.42 8.83
CA CA B . 1.84 6.02 -16.15
CA CA C . 7.98 -17.70 7.23
CA CA D . 9.08 -9.52 16.03
MG MG E . 1.01 1.56 -19.24
#